data_6BLE
#
_entry.id   6BLE
#
_cell.length_a   48.998
_cell.length_b   77.681
_cell.length_c   78.064
_cell.angle_alpha   90.00
_cell.angle_beta   90.00
_cell.angle_gamma   90.00
#
_symmetry.space_group_name_H-M   'P 21 21 21'
#
loop_
_entity.id
_entity.type
_entity.pdbx_description
1 polymer 'Calcium/calmodulin-dependent protein kinase kinase 2'
2 non-polymer 1-{2-[5-(2-methoxyethoxy)-1H-benzimidazol-1-yl]quinolin-8-yl}piperidin-4-amine
3 non-polymer GLYCEROL
4 water water
#
_entity_poly.entity_id   1
_entity_poly.type   'polypeptide(L)'
_entity_poly.pdbx_seq_one_letter_code
;SMQLNQYTLKDEIGKGSYGVVKLAYNENDNTYYAMKVLSKKKLIRQAGFPRRPPPRGTRPAPGGCIQPRGPIEQVYQEIA
ILKKLDHPNVVKLVEVLDDPNEDHLYMVFELVNQGPVMEVPTLKPLSEDQARFYFQDLIKGIEYLHYQKIIHRDIKPSNL
LVGEDGHIKIADFGVSNEFKGSDALLSNTVGTPAFMAPESLSETRKIFSGKALDVWAMGVTLYCFVFGQCPFMDERIMCL
HSKIKSQALEFPDQPDIAEDLKDLITRMLDKNPESRIVVPEIKLHPWVTRH
;
_entity_poly.pdbx_strand_id   A
#
loop_
_chem_comp.id
_chem_comp.type
_chem_comp.name
_chem_comp.formula
34U non-polymer 1-{2-[5-(2-methoxyethoxy)-1H-benzimidazol-1-yl]quinolin-8-yl}piperidin-4-amine 'C24 H27 N5 O2'
GOL non-polymer GLYCEROL 'C3 H8 O3'
#
# COMPACT_ATOMS: atom_id res chain seq x y z
N SER A 1 -25.21 7.44 -12.86
CA SER A 1 -25.36 6.35 -11.84
C SER A 1 -25.89 5.06 -12.45
N MET A 2 -25.84 3.99 -11.65
CA MET A 2 -26.30 2.67 -12.06
C MET A 2 -26.62 1.83 -10.82
N GLN A 3 -27.72 1.07 -10.89
CA GLN A 3 -28.22 0.30 -9.77
C GLN A 3 -27.69 -1.13 -9.85
N LEU A 4 -27.28 -1.68 -8.71
CA LEU A 4 -26.70 -3.01 -8.62
C LEU A 4 -27.20 -3.65 -7.35
N ASN A 5 -28.26 -4.46 -7.49
CA ASN A 5 -29.06 -4.95 -6.36
C ASN A 5 -29.41 -3.75 -5.48
N GLN A 6 -29.06 -3.78 -4.19
CA GLN A 6 -29.35 -2.67 -3.28
C GLN A 6 -28.41 -1.44 -3.39
N TYR A 7 -27.37 -1.52 -4.23
CA TYR A 7 -26.36 -0.45 -4.37
C TYR A 7 -26.65 0.47 -5.57
N THR A 8 -26.40 1.75 -5.39
CA THR A 8 -26.38 2.73 -6.48
C THR A 8 -24.94 3.20 -6.63
N LEU A 9 -24.30 2.90 -7.76
CA LEU A 9 -22.91 3.31 -7.99
C LEU A 9 -22.85 4.77 -8.42
N LYS A 10 -21.87 5.50 -7.89
CA LYS A 10 -21.75 6.95 -8.13
C LYS A 10 -20.38 7.19 -8.75
N ASP A 11 -19.70 8.28 -8.39
CA ASP A 11 -18.44 8.64 -9.03
C ASP A 11 -17.28 7.71 -8.67
N GLU A 12 -16.33 7.64 -9.58
CA GLU A 12 -15.09 6.94 -9.36
C GLU A 12 -14.31 7.66 -8.27
N ILE A 13 -13.79 6.92 -7.29
CA ILE A 13 -13.00 7.50 -6.20
C ILE A 13 -11.55 7.01 -6.16
N GLY A 14 -11.19 6.06 -7.02
CA GLY A 14 -9.81 5.61 -7.13
C GLY A 14 -9.64 4.69 -8.32
N LYS A 15 -8.39 4.51 -8.74
CA LYS A 15 -8.03 3.48 -9.71
C LYS A 15 -7.55 2.25 -8.93
N GLY A 16 -6.26 2.11 -8.72
CA GLY A 16 -5.72 0.91 -8.05
C GLY A 16 -4.99 0.01 -9.03
N SER A 17 -4.38 -1.04 -8.48
CA SER A 17 -3.57 -1.93 -9.29
C SER A 17 -4.42 -2.63 -10.35
N TYR A 18 -5.67 -2.98 -10.02
CA TYR A 18 -6.59 -3.57 -10.98
C TYR A 18 -7.95 -2.93 -10.82
N GLY A 19 -8.60 -2.63 -11.93
CA GLY A 19 -9.99 -2.15 -11.93
C GLY A 19 -10.09 -0.72 -11.44
N VAL A 20 -11.28 -0.34 -10.97
CA VAL A 20 -11.51 0.98 -10.39
C VAL A 20 -12.32 0.85 -9.13
N VAL A 21 -12.32 1.91 -8.34
CA VAL A 21 -13.09 1.98 -7.12
C VAL A 21 -14.16 3.06 -7.28
N LYS A 22 -15.41 2.70 -6.96
CA LYS A 22 -16.56 3.61 -7.05
C LYS A 22 -17.25 3.80 -5.73
N LEU A 23 -17.68 5.03 -5.47
CA LEU A 23 -18.58 5.29 -4.39
C LEU A 23 -19.93 4.59 -4.65
N ALA A 24 -20.49 3.95 -3.63
CA ALA A 24 -21.77 3.23 -3.78
C ALA A 24 -22.68 3.50 -2.62
N TYR A 25 -23.91 3.90 -2.93
CA TYR A 25 -24.95 4.08 -1.92
C TYR A 25 -25.73 2.78 -1.76
N ASN A 26 -25.89 2.33 -0.52
CA ASN A 26 -26.66 1.14 -0.19
C ASN A 26 -28.04 1.59 0.33
N GLU A 27 -29.09 1.26 -0.43
CA GLU A 27 -30.50 1.61 -0.10
C GLU A 27 -31.06 0.96 1.17
N ASN A 28 -30.61 -0.26 1.47
CA ASN A 28 -31.05 -1.02 2.66
C ASN A 28 -30.66 -0.37 3.96
N ASP A 29 -29.39 -0.01 4.11
CA ASP A 29 -28.90 0.57 5.38
C ASP A 29 -28.57 2.07 5.35
N ASN A 30 -28.85 2.74 4.24
CA ASN A 30 -28.77 4.22 4.13
C ASN A 30 -27.37 4.80 4.39
N THR A 31 -26.36 4.15 3.82
CA THR A 31 -24.99 4.66 3.93
C THR A 31 -24.17 4.28 2.71
N TYR A 32 -22.95 4.80 2.66
CA TYR A 32 -22.09 4.61 1.52
C TYR A 32 -21.01 3.55 1.77
N TYR A 33 -20.60 2.90 0.68
CA TYR A 33 -19.53 1.91 0.63
C TYR A 33 -18.60 2.26 -0.51
N ALA A 34 -17.44 1.60 -0.56
CA ALA A 34 -16.53 1.73 -1.67
C ALA A 34 -16.58 0.43 -2.43
N MET A 35 -16.76 0.50 -3.74
CA MET A 35 -16.92 -0.70 -4.53
C MET A 35 -15.81 -0.81 -5.57
N LYS A 36 -15.01 -1.85 -5.47
CA LYS A 36 -14.01 -2.16 -6.49
C LYS A 36 -14.72 -2.89 -7.60
N VAL A 37 -14.50 -2.44 -8.84
CA VAL A 37 -15.15 -3.01 -10.00
C VAL A 37 -14.07 -3.59 -10.93
N LEU A 38 -14.22 -4.86 -11.32
CA LEU A 38 -13.27 -5.57 -12.18
C LEU A 38 -13.98 -6.12 -13.42
N SER A 39 -13.31 -6.07 -14.57
CA SER A 39 -13.79 -6.76 -15.77
C SER A 39 -13.03 -8.07 -15.94
N LYS A 40 -13.76 -9.18 -16.02
CA LYS A 40 -13.14 -10.49 -16.26
C LYS A 40 -12.48 -10.56 -17.64
N LYS A 41 -13.14 -9.99 -18.64
CA LYS A 41 -12.59 -9.90 -20.00
C LYS A 41 -11.27 -9.13 -20.01
N LYS A 42 -11.24 -7.97 -19.35
CA LYS A 42 -10.00 -7.17 -19.24
C LYS A 42 -8.91 -7.89 -18.45
N LEU A 43 -9.29 -8.64 -17.40
CA LEU A 43 -8.32 -9.45 -16.64
C LEU A 43 -7.73 -10.59 -17.45
N ILE A 44 -8.62 -11.30 -18.17
CA ILE A 44 -8.23 -12.38 -19.08
C ILE A 44 -7.21 -11.94 -20.15
N ARG A 45 -7.29 -10.68 -20.60
CA ARG A 45 -6.31 -10.11 -21.53
C ARG A 45 -4.98 -9.70 -20.85
N GLN A 46 -5.06 -8.97 -19.74
CA GLN A 46 -3.89 -8.33 -19.08
C GLN A 46 -2.84 -9.33 -18.57
N ILE A 72 -8.53 -14.92 -13.36
CA ILE A 72 -9.69 -15.38 -12.61
C ILE A 72 -9.29 -15.77 -11.19
N GLU A 73 -8.33 -16.68 -11.08
CA GLU A 73 -7.92 -17.27 -9.79
C GLU A 73 -7.10 -16.33 -8.86
N GLN A 74 -6.36 -15.37 -9.43
CA GLN A 74 -5.70 -14.31 -8.64
C GLN A 74 -6.72 -13.41 -7.92
N VAL A 75 -7.87 -13.18 -8.55
CA VAL A 75 -8.94 -12.40 -7.93
C VAL A 75 -9.51 -13.16 -6.75
N TYR A 76 -9.77 -14.45 -6.93
CA TYR A 76 -10.30 -15.25 -5.82
C TYR A 76 -9.25 -15.47 -4.74
N GLN A 77 -7.97 -15.43 -5.09
CA GLN A 77 -6.88 -15.39 -4.11
C GLN A 77 -6.94 -14.09 -3.27
N GLU A 78 -7.08 -12.96 -3.94
CA GLU A 78 -7.25 -11.67 -3.25
C GLU A 78 -8.45 -11.72 -2.30
N ILE A 79 -9.57 -12.30 -2.76
CA ILE A 79 -10.80 -12.39 -1.95
C ILE A 79 -10.60 -13.26 -0.70
N ALA A 80 -9.91 -14.39 -0.87
CA ALA A 80 -9.58 -15.25 0.26
C ALA A 80 -8.68 -14.52 1.27
N ILE A 81 -7.68 -13.77 0.79
CA ILE A 81 -6.85 -12.92 1.64
C ILE A 81 -7.74 -11.92 2.40
N LEU A 82 -8.52 -11.14 1.66
CA LEU A 82 -9.37 -10.11 2.28
C LEU A 82 -10.34 -10.66 3.32
N LYS A 83 -10.91 -11.84 3.08
CA LYS A 83 -11.83 -12.48 4.05
C LYS A 83 -11.16 -12.89 5.38
N LYS A 84 -9.85 -13.01 5.38
CA LYS A 84 -9.06 -13.34 6.56
C LYS A 84 -8.81 -12.13 7.50
N LEU A 85 -8.95 -10.91 6.96
CA LEU A 85 -8.44 -9.69 7.59
C LEU A 85 -9.51 -8.90 8.36
N ASP A 86 -9.21 -8.64 9.62
CA ASP A 86 -10.10 -7.87 10.48
C ASP A 86 -9.25 -7.08 11.48
N HIS A 87 -8.94 -5.84 11.13
CA HIS A 87 -8.07 -4.99 11.92
C HIS A 87 -8.45 -3.53 11.65
N PRO A 88 -8.41 -2.67 12.67
CA PRO A 88 -8.83 -1.28 12.45
C PRO A 88 -7.97 -0.48 11.45
N ASN A 89 -6.74 -0.91 11.15
CA ASN A 89 -5.92 -0.22 10.16
C ASN A 89 -5.85 -0.93 8.81
N VAL A 90 -6.82 -1.80 8.53
CA VAL A 90 -6.94 -2.42 7.25
C VAL A 90 -8.38 -2.27 6.78
N VAL A 91 -8.57 -1.93 5.52
CA VAL A 91 -9.90 -1.77 4.94
C VAL A 91 -10.65 -3.12 4.91
N LYS A 92 -11.90 -3.12 5.33
CA LYS A 92 -12.71 -4.33 5.49
C LYS A 92 -13.49 -4.63 4.20
N LEU A 93 -13.35 -5.85 3.70
CA LEU A 93 -14.24 -6.38 2.67
C LEU A 93 -15.60 -6.73 3.29
N VAL A 94 -16.69 -6.28 2.66
CA VAL A 94 -18.04 -6.49 3.17
C VAL A 94 -18.74 -7.61 2.41
N GLU A 95 -18.73 -7.54 1.09
CA GLU A 95 -19.22 -8.63 0.26
C GLU A 95 -18.70 -8.57 -1.16
N VAL A 96 -18.93 -9.67 -1.86
CA VAL A 96 -18.52 -9.84 -3.24
C VAL A 96 -19.77 -10.16 -4.04
N LEU A 97 -19.98 -9.45 -5.17
CA LEU A 97 -21.04 -9.74 -6.11
C LEU A 97 -20.44 -10.21 -7.45
N ASP A 98 -20.58 -11.50 -7.72
CA ASP A 98 -19.96 -12.18 -8.86
C ASP A 98 -20.92 -13.17 -9.57
N ASP A 99 -21.64 -12.67 -10.58
CA ASP A 99 -22.53 -13.49 -11.39
C ASP A 99 -21.72 -14.16 -12.50
N PRO A 100 -21.75 -15.51 -12.59
CA PRO A 100 -21.09 -16.14 -13.76
C PRO A 100 -21.68 -15.72 -15.14
N ASN A 101 -22.88 -15.15 -15.16
CA ASN A 101 -23.47 -14.55 -16.37
C ASN A 101 -22.77 -13.26 -16.83
N GLU A 102 -22.36 -12.39 -15.89
CA GLU A 102 -21.84 -11.06 -16.20
C GLU A 102 -20.31 -10.98 -16.26
N ASP A 103 -19.81 -10.01 -17.02
CA ASP A 103 -18.38 -9.76 -17.16
C ASP A 103 -17.77 -9.10 -15.91
N HIS A 104 -18.55 -8.24 -15.23
CA HIS A 104 -18.07 -7.48 -14.08
C HIS A 104 -18.17 -8.25 -12.76
N LEU A 105 -17.14 -8.10 -11.93
CA LEU A 105 -17.10 -8.61 -10.58
C LEU A 105 -16.93 -7.41 -9.64
N TYR A 106 -17.72 -7.38 -8.57
CA TYR A 106 -17.81 -6.25 -7.66
C TYR A 106 -17.40 -6.66 -6.26
N MET A 107 -16.49 -5.92 -5.65
CA MET A 107 -16.08 -6.16 -4.28
C MET A 107 -16.46 -4.93 -3.47
N VAL A 108 -17.34 -5.14 -2.49
CA VAL A 108 -17.85 -4.06 -1.65
C VAL A 108 -17.03 -3.95 -0.38
N PHE A 109 -16.47 -2.76 -0.17
CA PHE A 109 -15.62 -2.48 0.99
C PHE A 109 -16.24 -1.39 1.83
N GLU A 110 -15.83 -1.31 3.09
CA GLU A 110 -16.13 -0.14 3.91
C GLU A 110 -15.51 1.12 3.26
N LEU A 111 -16.24 2.22 3.38
CA LEU A 111 -15.82 3.50 2.83
C LEU A 111 -15.05 4.20 3.92
N VAL A 112 -13.91 4.76 3.56
CA VAL A 112 -13.07 5.54 4.48
C VAL A 112 -13.11 7.00 3.98
N ASN A 113 -13.92 7.82 4.67
CA ASN A 113 -14.36 9.18 4.23
C ASN A 113 -13.40 10.08 3.51
N GLN A 114 -12.26 10.33 4.14
CA GLN A 114 -11.38 11.40 3.67
C GLN A 114 -10.45 10.98 2.54
N GLY A 115 -10.41 9.68 2.22
CA GLY A 115 -9.61 9.20 1.11
C GLY A 115 -8.11 9.19 1.41
N PRO A 116 -7.30 9.08 0.35
CA PRO A 116 -5.84 8.96 0.49
C PRO A 116 -5.21 10.06 1.33
N VAL A 117 -4.23 9.69 2.16
CA VAL A 117 -3.58 10.65 3.04
C VAL A 117 -2.84 11.73 2.25
N MET A 118 -2.29 11.40 1.08
CA MET A 118 -1.70 12.42 0.20
C MET A 118 -1.49 11.90 -1.20
N GLU A 119 -1.32 12.83 -2.13
CA GLU A 119 -0.83 12.55 -3.50
C GLU A 119 0.65 12.95 -3.56
N VAL A 120 1.44 12.19 -4.30
CA VAL A 120 2.86 12.46 -4.48
C VAL A 120 3.11 12.71 -5.97
N PRO A 121 3.80 13.77 -6.35
CA PRO A 121 4.40 14.75 -5.42
C PRO A 121 3.39 15.77 -4.90
N THR A 122 3.75 16.46 -3.83
CA THR A 122 2.98 17.56 -3.29
C THR A 122 3.91 18.61 -2.72
N LEU A 123 3.46 19.85 -2.72
CA LEU A 123 4.20 20.95 -2.09
C LEU A 123 3.75 21.17 -0.64
N LYS A 124 2.66 20.51 -0.22
CA LYS A 124 2.19 20.53 1.16
C LYS A 124 2.38 19.16 1.85
N PRO A 125 3.63 18.82 2.24
CA PRO A 125 3.82 17.56 2.98
C PRO A 125 3.28 17.63 4.41
N LEU A 126 3.24 16.49 5.07
CA LEU A 126 2.78 16.41 6.44
C LEU A 126 3.83 16.94 7.40
N SER A 127 3.39 17.50 8.51
CA SER A 127 4.32 17.81 9.63
C SER A 127 4.90 16.52 10.21
N GLU A 128 6.01 16.62 10.92
CA GLU A 128 6.59 15.45 11.59
C GLU A 128 5.61 14.75 12.51
N ASP A 129 4.87 15.53 13.29
CA ASP A 129 3.91 15.00 14.27
C ASP A 129 2.75 14.28 13.58
N GLN A 130 2.25 14.84 12.48
CA GLN A 130 1.19 14.17 11.70
C GLN A 130 1.72 12.88 11.06
N ALA A 131 2.92 12.96 10.49
CA ALA A 131 3.59 11.79 9.91
C ALA A 131 3.78 10.67 10.91
N ARG A 132 4.21 10.99 12.14
CA ARG A 132 4.37 10.00 13.18
C ARG A 132 3.07 9.30 13.54
N PHE A 133 2.01 10.08 13.68
CA PHE A 133 0.71 9.54 13.99
C PHE A 133 0.28 8.50 12.94
N TYR A 134 0.38 8.87 11.68
CA TYR A 134 0.01 7.97 10.59
C TYR A 134 0.94 6.77 10.47
N PHE A 135 2.25 7.01 10.65
CA PHE A 135 3.23 5.93 10.60
C PHE A 135 2.98 4.90 11.71
N GLN A 136 2.54 5.36 12.87
CA GLN A 136 2.19 4.45 13.95
C GLN A 136 1.04 3.52 13.55
N ASP A 137 0.03 4.07 12.88
CA ASP A 137 -1.06 3.26 12.30
C ASP A 137 -0.56 2.25 11.24
N LEU A 138 0.34 2.71 10.39
CA LEU A 138 0.94 1.88 9.34
C LEU A 138 1.72 0.71 9.91
N ILE A 139 2.53 0.95 10.94
CA ILE A 139 3.22 -0.12 11.66
C ILE A 139 2.23 -1.17 12.17
N LYS A 140 1.16 -0.73 12.85
CA LYS A 140 0.19 -1.68 13.41
C LYS A 140 -0.47 -2.49 12.31
N GLY A 141 -0.84 -1.82 11.22
CA GLY A 141 -1.44 -2.49 10.07
C GLY A 141 -0.54 -3.52 9.41
N ILE A 142 0.69 -3.13 9.13
CA ILE A 142 1.67 -4.02 8.49
C ILE A 142 2.04 -5.17 9.41
N GLU A 143 2.25 -4.88 10.70
CA GLU A 143 2.50 -5.94 11.67
C GLU A 143 1.38 -6.99 11.65
N TYR A 144 0.15 -6.52 11.62
CA TYR A 144 -1.00 -7.41 11.50
C TYR A 144 -0.99 -8.25 10.21
N LEU A 145 -0.79 -7.59 9.07
CA LEU A 145 -0.72 -8.29 7.80
C LEU A 145 0.34 -9.39 7.81
N HIS A 146 1.54 -9.05 8.28
CA HIS A 146 2.64 -10.03 8.32
C HIS A 146 2.35 -11.22 9.25
N TYR A 147 1.71 -10.95 10.38
CA TYR A 147 1.21 -11.98 11.29
C TYR A 147 0.21 -12.90 10.60
N GLN A 148 -0.66 -12.32 9.78
CA GLN A 148 -1.62 -13.08 8.99
C GLN A 148 -1.02 -13.71 7.73
N LYS A 149 0.29 -13.62 7.58
CA LYS A 149 1.06 -14.16 6.44
C LYS A 149 0.73 -13.57 5.08
N ILE A 150 0.55 -12.25 5.07
CA ILE A 150 0.28 -11.50 3.86
C ILE A 150 1.40 -10.48 3.68
N ILE A 151 1.99 -10.44 2.49
CA ILE A 151 2.85 -9.34 2.08
C ILE A 151 1.98 -8.41 1.25
N HIS A 152 1.98 -7.12 1.59
CA HIS A 152 1.11 -6.19 0.89
C HIS A 152 1.58 -5.88 -0.53
N ARG A 153 2.84 -5.55 -0.68
CA ARG A 153 3.50 -5.29 -1.96
C ARG A 153 3.18 -4.00 -2.69
N ASP A 154 2.31 -3.17 -2.15
CA ASP A 154 2.02 -1.85 -2.76
C ASP A 154 1.76 -0.78 -1.71
N ILE A 155 2.59 -0.78 -0.67
CA ILE A 155 2.52 0.26 0.35
C ILE A 155 3.03 1.56 -0.25
N LYS A 156 2.15 2.57 -0.22
CA LYS A 156 2.46 3.92 -0.66
C LYS A 156 1.40 4.88 -0.09
N PRO A 157 1.72 6.18 -0.02
CA PRO A 157 0.76 7.09 0.61
C PRO A 157 -0.66 7.07 0.01
N SER A 158 -0.77 6.91 -1.30
CA SER A 158 -2.06 6.94 -1.95
C SER A 158 -2.95 5.69 -1.68
N ASN A 159 -2.38 4.64 -1.08
CA ASN A 159 -3.12 3.45 -0.65
C ASN A 159 -3.43 3.45 0.84
N LEU A 160 -3.17 4.58 1.50
CA LEU A 160 -3.42 4.72 2.94
C LEU A 160 -4.56 5.73 3.13
N LEU A 161 -5.72 5.23 3.57
CA LEU A 161 -6.95 6.02 3.60
C LEU A 161 -7.20 6.60 4.99
N VAL A 162 -7.55 7.88 5.06
CA VAL A 162 -7.82 8.53 6.37
C VAL A 162 -9.30 8.46 6.68
N GLY A 163 -9.62 7.90 7.85
CA GLY A 163 -10.99 7.70 8.29
C GLY A 163 -11.54 8.93 9.03
N GLU A 164 -12.83 8.86 9.40
CA GLU A 164 -13.50 9.89 10.22
C GLU A 164 -12.79 10.11 11.57
N ASP A 165 -12.26 9.05 12.17
CA ASP A 165 -11.50 9.14 13.41
C ASP A 165 -10.03 9.67 13.27
N GLY A 166 -9.62 10.05 12.06
CA GLY A 166 -8.27 10.53 11.83
C GLY A 166 -7.21 9.44 11.65
N HIS A 167 -7.58 8.15 11.72
CA HIS A 167 -6.60 7.04 11.59
C HIS A 167 -6.54 6.50 10.16
N ILE A 168 -5.40 5.91 9.79
CA ILE A 168 -5.26 5.38 8.43
C ILE A 168 -5.66 3.91 8.35
N LYS A 169 -6.18 3.53 7.18
CA LYS A 169 -6.47 2.15 6.85
C LYS A 169 -5.74 1.83 5.55
N ILE A 170 -5.10 0.66 5.52
CA ILE A 170 -4.36 0.17 4.36
C ILE A 170 -5.36 -0.46 3.39
N ALA A 171 -5.23 -0.08 2.11
CA ALA A 171 -6.11 -0.57 1.06
C ALA A 171 -5.27 -1.12 -0.11
N ASP A 172 -5.98 -1.78 -1.01
CA ASP A 172 -5.47 -2.31 -2.29
C ASP A 172 -4.55 -3.51 -2.11
N PHE A 173 -5.20 -4.68 -2.05
CA PHE A 173 -4.51 -5.96 -1.97
C PHE A 173 -4.34 -6.64 -3.33
N GLY A 174 -4.41 -5.86 -4.41
CA GLY A 174 -4.41 -6.40 -5.76
C GLY A 174 -3.14 -7.12 -6.17
N VAL A 175 -2.00 -6.77 -5.58
CA VAL A 175 -0.75 -7.51 -5.87
C VAL A 175 -0.16 -8.19 -4.64
N SER A 176 -0.96 -8.35 -3.59
N SER A 176 -0.96 -8.34 -3.60
CA SER A 176 -0.51 -8.93 -2.34
CA SER A 176 -0.49 -8.94 -2.36
C SER A 176 -0.33 -10.44 -2.44
C SER A 176 -0.17 -10.42 -2.56
N ASN A 177 0.58 -10.99 -1.63
CA ASN A 177 0.93 -12.43 -1.63
C ASN A 177 0.69 -13.01 -0.26
N GLU A 178 0.11 -14.21 -0.21
CA GLU A 178 0.04 -14.99 1.00
C GLU A 178 1.25 -15.93 1.02
N PHE A 179 1.82 -16.18 2.20
CA PHE A 179 2.95 -17.13 2.31
C PHE A 179 2.75 -18.14 3.42
N LYS A 180 3.60 -19.18 3.43
CA LYS A 180 3.73 -20.13 4.53
C LYS A 180 5.01 -19.89 5.32
N GLY A 181 5.01 -20.29 6.58
CA GLY A 181 6.18 -20.14 7.41
C GLY A 181 6.38 -18.71 7.87
N SER A 182 7.63 -18.32 8.06
CA SER A 182 7.94 -17.02 8.66
C SER A 182 8.03 -15.89 7.64
N ASP A 183 8.16 -16.18 6.35
CA ASP A 183 8.35 -15.13 5.33
C ASP A 183 8.02 -15.63 3.95
N ALA A 184 7.72 -14.70 3.03
CA ALA A 184 7.57 -15.05 1.61
C ALA A 184 8.94 -15.06 0.91
N LEU A 185 9.15 -16.06 0.05
CA LEU A 185 10.33 -16.15 -0.81
C LEU A 185 9.86 -15.83 -2.20
N LEU A 186 10.21 -14.65 -2.69
CA LEU A 186 9.66 -14.11 -3.93
C LEU A 186 10.73 -13.92 -5.02
N SER A 187 10.28 -14.03 -6.27
CA SER A 187 11.11 -13.78 -7.44
C SER A 187 10.50 -12.82 -8.46
N ASN A 188 9.28 -12.35 -8.26
CA ASN A 188 8.62 -11.46 -9.22
C ASN A 188 8.63 -10.03 -8.70
N THR A 189 8.49 -9.10 -9.63
CA THR A 189 8.51 -7.67 -9.36
C THR A 189 7.16 -7.09 -9.72
N VAL A 190 6.41 -6.65 -8.71
CA VAL A 190 5.12 -6.00 -8.91
C VAL A 190 5.06 -4.78 -8.01
N GLY A 191 4.03 -3.97 -8.22
CA GLY A 191 3.78 -2.80 -7.39
C GLY A 191 4.09 -1.54 -8.15
N THR A 192 4.43 -0.49 -7.41
CA THR A 192 4.64 0.82 -7.97
C THR A 192 6.15 1.02 -8.01
N PRO A 193 6.73 1.25 -9.21
CA PRO A 193 8.19 1.34 -9.42
C PRO A 193 9.00 2.12 -8.39
N ALA A 194 8.52 3.29 -8.02
CA ALA A 194 9.24 4.15 -7.12
C ALA A 194 9.33 3.59 -5.70
N PHE A 195 8.49 2.61 -5.37
CA PHE A 195 8.45 2.00 -4.05
C PHE A 195 9.09 0.61 -4.02
N MET A 196 9.65 0.15 -5.14
CA MET A 196 10.26 -1.19 -5.21
C MET A 196 11.67 -1.25 -4.60
N ALA A 197 11.92 -2.28 -3.81
CA ALA A 197 13.19 -2.44 -3.13
C ALA A 197 14.26 -2.89 -4.12
N PRO A 198 15.51 -2.46 -3.90
CA PRO A 198 16.59 -2.75 -4.86
C PRO A 198 16.84 -4.23 -5.13
N GLU A 199 16.73 -5.07 -4.11
CA GLU A 199 16.85 -6.53 -4.26
C GLU A 199 15.81 -7.17 -5.19
N SER A 200 14.69 -6.49 -5.45
CA SER A 200 13.68 -6.96 -6.40
C SER A 200 13.90 -6.45 -7.83
N LEU A 201 15.00 -5.73 -8.07
CA LEU A 201 15.26 -5.08 -9.36
C LEU A 201 16.53 -5.60 -10.06
N SER A 202 16.96 -6.81 -9.72
CA SER A 202 18.12 -7.44 -10.35
C SER A 202 17.81 -7.81 -11.80
N GLU A 203 18.84 -7.81 -12.65
CA GLU A 203 18.69 -8.23 -14.06
C GLU A 203 18.45 -9.74 -14.20
N THR A 204 19.14 -10.53 -13.36
CA THR A 204 18.96 -11.98 -13.31
C THR A 204 17.95 -12.39 -12.23
N ARG A 205 17.29 -13.53 -12.44
CA ARG A 205 16.31 -14.07 -11.50
C ARG A 205 16.97 -14.30 -10.15
N LYS A 206 16.35 -13.76 -9.09
CA LYS A 206 16.80 -13.94 -7.72
C LYS A 206 15.63 -14.20 -6.79
N ILE A 207 15.93 -14.58 -5.56
CA ILE A 207 14.91 -14.80 -4.56
C ILE A 207 15.18 -13.82 -3.44
N PHE A 208 14.12 -13.16 -2.98
CA PHE A 208 14.19 -12.15 -1.94
C PHE A 208 13.03 -12.27 -0.96
N SER A 209 13.28 -11.83 0.27
CA SER A 209 12.32 -11.84 1.39
C SER A 209 11.20 -10.82 1.17
N GLY A 210 9.96 -11.25 1.36
CA GLY A 210 8.79 -10.38 1.21
C GLY A 210 8.65 -9.34 2.30
N LYS A 211 8.88 -9.70 3.55
CA LYS A 211 8.69 -8.74 4.62
C LYS A 211 9.58 -7.51 4.48
N ALA A 212 10.83 -7.72 4.07
CA ALA A 212 11.78 -6.63 3.89
C ALA A 212 11.38 -5.71 2.71
N LEU A 213 10.66 -6.25 1.72
CA LEU A 213 10.07 -5.42 0.66
C LEU A 213 9.05 -4.43 1.21
N ASP A 214 8.17 -4.92 2.08
CA ASP A 214 7.18 -4.03 2.71
C ASP A 214 7.87 -2.96 3.58
N VAL A 215 8.92 -3.33 4.30
CA VAL A 215 9.67 -2.36 5.10
C VAL A 215 10.30 -1.25 4.22
N TRP A 216 10.94 -1.65 3.11
CA TRP A 216 11.47 -0.67 2.18
C TRP A 216 10.37 0.31 1.70
N ALA A 217 9.24 -0.22 1.27
CA ALA A 217 8.11 0.60 0.82
C ALA A 217 7.57 1.50 1.94
N MET A 218 7.54 1.00 3.18
CA MET A 218 7.19 1.86 4.33
C MET A 218 8.15 3.04 4.50
N GLY A 219 9.44 2.82 4.21
CA GLY A 219 10.48 3.84 4.30
C GLY A 219 10.34 4.88 3.22
N VAL A 220 10.04 4.44 2.00
CA VAL A 220 9.70 5.36 0.92
C VAL A 220 8.45 6.16 1.29
N THR A 221 7.44 5.49 1.83
CA THR A 221 6.21 6.16 2.27
C THR A 221 6.46 7.25 3.35
N LEU A 222 7.29 6.92 4.34
CA LEU A 222 7.61 7.87 5.41
C LEU A 222 8.38 9.09 4.87
N TYR A 223 9.35 8.83 4.01
CA TYR A 223 10.05 9.90 3.29
C TYR A 223 9.06 10.83 2.54
N CYS A 224 8.14 10.24 1.78
CA CYS A 224 7.08 10.99 1.10
C CYS A 224 6.22 11.79 2.04
N PHE A 225 5.86 11.21 3.19
CA PHE A 225 5.04 11.91 4.19
C PHE A 225 5.63 13.28 4.54
N VAL A 226 6.94 13.31 4.79
CA VAL A 226 7.57 14.53 5.30
C VAL A 226 8.24 15.42 4.25
N PHE A 227 8.52 14.88 3.06
CA PHE A 227 9.14 15.66 1.98
C PHE A 227 8.24 15.93 0.81
N GLY A 228 7.16 15.15 0.67
CA GLY A 228 6.20 15.31 -0.41
C GLY A 228 6.69 14.89 -1.78
N GLN A 229 7.74 14.08 -1.82
CA GLN A 229 8.31 13.56 -3.04
C GLN A 229 9.06 12.27 -2.71
N CYS A 230 9.31 11.44 -3.71
CA CYS A 230 10.00 10.16 -3.52
C CYS A 230 11.51 10.38 -3.41
N PRO A 231 12.22 9.49 -2.69
CA PRO A 231 13.68 9.61 -2.57
C PRO A 231 14.47 9.37 -3.86
N PHE A 232 13.95 8.47 -4.71
CA PHE A 232 14.55 8.16 -6.00
C PHE A 232 13.48 8.44 -7.04
N MET A 233 13.79 9.28 -8.02
N MET A 233 13.85 9.28 -8.02
CA MET A 233 12.84 9.55 -9.09
CA MET A 233 12.94 9.82 -9.05
C MET A 233 13.56 9.77 -10.41
C MET A 233 13.62 9.75 -10.42
N ASP A 234 12.90 9.28 -11.46
CA ASP A 234 13.35 9.45 -12.84
C ASP A 234 12.18 9.10 -13.78
N GLU A 235 11.98 9.91 -14.83
CA GLU A 235 10.97 9.61 -15.85
C GLU A 235 11.29 8.31 -16.62
N ARG A 236 12.57 7.99 -16.77
CA ARG A 236 12.99 6.76 -17.46
C ARG A 236 13.08 5.57 -16.49
N ILE A 237 12.25 4.55 -16.71
CA ILE A 237 12.18 3.39 -15.82
C ILE A 237 13.54 2.73 -15.52
N MET A 238 14.40 2.55 -16.53
CA MET A 238 15.74 1.95 -16.34
C MET A 238 16.61 2.78 -15.39
N CYS A 239 16.54 4.10 -15.51
CA CYS A 239 17.31 5.01 -14.67
C CYS A 239 16.78 5.05 -13.23
N LEU A 240 15.46 5.01 -13.07
CA LEU A 240 14.85 4.87 -11.74
C LEU A 240 15.37 3.61 -11.02
N HIS A 241 15.35 2.48 -11.71
CA HIS A 241 15.88 1.22 -11.18
C HIS A 241 17.33 1.34 -10.74
N SER A 242 18.14 1.94 -11.62
CA SER A 242 19.56 2.19 -11.35
C SER A 242 19.80 3.07 -10.11
N LYS A 243 19.00 4.12 -9.96
CA LYS A 243 19.06 4.96 -8.76
C LYS A 243 18.65 4.20 -7.48
N ILE A 244 17.56 3.43 -7.55
CA ILE A 244 17.11 2.66 -6.40
C ILE A 244 18.24 1.70 -5.99
N LYS A 245 18.89 1.09 -6.97
CA LYS A 245 19.97 0.13 -6.68
C LYS A 245 21.30 0.74 -6.28
N SER A 246 21.63 1.91 -6.80
CA SER A 246 23.04 2.36 -6.67
C SER A 246 23.28 3.80 -6.23
N GLN A 247 22.23 4.59 -6.02
CA GLN A 247 22.37 5.98 -5.58
C GLN A 247 22.18 6.06 -4.07
N ALA A 248 23.13 6.67 -3.37
CA ALA A 248 22.99 6.90 -1.95
C ALA A 248 21.78 7.81 -1.65
N LEU A 249 21.06 7.49 -0.58
CA LEU A 249 19.91 8.26 -0.14
C LEU A 249 20.30 9.72 0.14
N GLU A 250 19.54 10.67 -0.38
CA GLU A 250 19.76 12.09 -0.07
C GLU A 250 18.47 12.68 0.44
N PHE A 251 18.60 13.54 1.43
CA PHE A 251 17.47 14.27 1.97
C PHE A 251 17.37 15.62 1.25
N PRO A 252 16.14 16.08 0.92
CA PRO A 252 16.01 17.44 0.35
C PRO A 252 16.38 18.51 1.36
N ASP A 253 16.63 19.71 0.86
CA ASP A 253 16.97 20.83 1.73
C ASP A 253 15.82 21.22 2.65
N GLN A 254 14.59 21.11 2.16
CA GLN A 254 13.42 21.53 2.93
C GLN A 254 12.33 20.46 2.86
N PRO A 255 11.55 20.27 3.91
CA PRO A 255 11.76 20.85 5.25
C PRO A 255 12.94 20.21 6.01
N ASP A 256 13.37 20.86 7.09
CA ASP A 256 14.37 20.27 7.98
C ASP A 256 13.64 19.28 8.87
N ILE A 257 14.26 18.13 9.14
CA ILE A 257 13.64 17.13 10.01
C ILE A 257 14.61 16.66 11.08
N ALA A 258 14.07 16.09 12.14
CA ALA A 258 14.85 15.62 13.26
C ALA A 258 15.86 14.53 12.88
N GLU A 259 16.97 14.52 13.61
CA GLU A 259 18.01 13.49 13.48
C GLU A 259 17.43 12.08 13.60
N ASP A 260 16.56 11.86 14.57
CA ASP A 260 16.04 10.50 14.80
C ASP A 260 15.12 10.04 13.65
N LEU A 261 14.36 10.95 13.03
CA LEU A 261 13.58 10.58 11.84
C LEU A 261 14.51 10.24 10.65
N LYS A 262 15.55 11.05 10.44
CA LYS A 262 16.55 10.73 9.41
C LYS A 262 17.18 9.34 9.58
N ASP A 263 17.48 9.01 10.83
CA ASP A 263 18.06 7.72 11.16
C ASP A 263 17.07 6.59 10.81
N LEU A 264 15.81 6.72 11.24
CA LEU A 264 14.78 5.70 10.95
C LEU A 264 14.63 5.47 9.44
N ILE A 265 14.51 6.56 8.68
CA ILE A 265 14.34 6.47 7.23
C ILE A 265 15.55 5.79 6.58
N THR A 266 16.74 6.20 7.00
CA THR A 266 17.98 5.64 6.50
C THR A 266 18.05 4.11 6.73
N ARG A 267 17.64 3.67 7.92
CA ARG A 267 17.64 2.23 8.25
C ARG A 267 16.56 1.44 7.48
N MET A 268 15.40 2.05 7.23
CA MET A 268 14.37 1.41 6.40
C MET A 268 14.76 1.36 4.91
N LEU A 269 15.58 2.32 4.45
CA LEU A 269 16.06 2.35 3.07
C LEU A 269 17.50 1.90 2.95
N ASP A 270 17.89 1.00 3.83
CA ASP A 270 19.13 0.27 3.70
C ASP A 270 18.95 -0.66 2.50
N LYS A 271 19.84 -0.52 1.51
CA LYS A 271 19.76 -1.33 0.28
C LYS A 271 20.00 -2.82 0.50
N ASN A 272 20.71 -3.15 1.56
CA ASN A 272 20.98 -4.53 1.94
C ASN A 272 19.78 -5.05 2.75
N PRO A 273 18.99 -5.98 2.18
CA PRO A 273 17.84 -6.46 2.93
C PRO A 273 18.20 -7.25 4.21
N GLU A 274 19.43 -7.76 4.30
CA GLU A 274 19.92 -8.42 5.53
C GLU A 274 20.16 -7.50 6.71
N SER A 275 20.61 -6.28 6.46
CA SER A 275 20.84 -5.31 7.52
C SER A 275 19.65 -4.36 7.72
N ARG A 276 18.72 -4.31 6.75
CA ARG A 276 17.57 -3.42 6.84
C ARG A 276 16.77 -3.66 8.13
N ILE A 277 16.40 -2.57 8.80
CA ILE A 277 15.62 -2.64 10.04
C ILE A 277 14.36 -3.50 9.84
N VAL A 278 13.98 -4.27 10.86
CA VAL A 278 12.74 -5.08 10.83
C VAL A 278 11.63 -4.43 11.66
N VAL A 279 10.39 -4.86 11.47
CA VAL A 279 9.24 -4.23 12.18
C VAL A 279 9.36 -4.22 13.73
N PRO A 280 9.74 -5.35 14.36
CA PRO A 280 10.01 -5.30 15.83
C PRO A 280 11.04 -4.22 16.28
N GLU A 281 12.05 -3.95 15.45
CA GLU A 281 13.01 -2.88 15.69
C GLU A 281 12.43 -1.50 15.43
N ILE A 282 11.58 -1.39 14.41
CA ILE A 282 10.91 -0.10 14.08
C ILE A 282 10.03 0.36 15.23
N LYS A 283 9.33 -0.59 15.85
CA LYS A 283 8.43 -0.30 16.99
C LYS A 283 9.15 0.27 18.20
N LEU A 284 10.45 -0.04 18.32
CA LEU A 284 11.26 0.46 19.39
C LEU A 284 12.13 1.64 19.02
N HIS A 285 12.01 2.16 17.81
CA HIS A 285 12.88 3.25 17.38
C HIS A 285 12.49 4.53 18.15
N PRO A 286 13.47 5.34 18.59
CA PRO A 286 13.12 6.53 19.41
C PRO A 286 12.20 7.58 18.77
N TRP A 287 12.25 7.72 17.44
CA TRP A 287 11.32 8.59 16.71
C TRP A 287 9.89 8.11 16.81
N VAL A 288 9.70 6.79 16.81
CA VAL A 288 8.38 6.19 16.88
C VAL A 288 7.80 6.24 18.31
N THR A 289 8.65 6.05 19.32
CA THR A 289 8.22 5.96 20.71
C THR A 289 8.10 7.31 21.46
N ARG A 290 8.49 8.43 20.84
CA ARG A 290 8.28 9.77 21.45
C ARG A 290 7.07 10.47 20.84
C01 34U B . -11.14 12.18 -1.41
O02 34U B . -11.30 10.77 -1.29
C03 34U B . -12.63 10.35 -1.09
C04 34U B . -12.66 8.94 -0.63
O05 34U B . -11.77 8.16 -1.45
C06 34U B . -11.69 6.81 -1.22
C07 34U B . -12.30 6.22 -0.13
C08 34U B . -12.18 4.85 0.03
C09 34U B . -11.46 4.09 -0.89
C10 34U B . -10.84 4.66 -1.99
C11 34U B . -10.96 6.04 -2.14
N12 34U B . -11.54 2.78 -0.42
C13 34U B . -12.32 2.81 0.71
N14 34U B . -12.71 4.02 1.01
C15 34U B . -11.00 1.61 -1.04
N16 34U B . -10.02 1.77 -1.90
C17 34U B . -9.51 0.70 -2.58
C18 34U B . -10.02 -0.59 -2.36
C19 34U B . -9.51 -1.70 -3.06
C20 34U B . -8.52 -1.53 -3.99
C21 34U B . -7.98 -0.26 -4.22
C22 34U B . -8.47 0.87 -3.55
N23 34U B . -7.81 2.09 -3.75
C24 34U B . -7.25 2.82 -2.59
C25 34U B . -7.00 4.27 -2.83
C26 34U B . -6.13 4.44 -4.05
C27 34U B . -6.87 3.91 -5.25
C28 34U B . -7.26 2.46 -5.08
N29 34U B . -5.75 5.86 -4.20
C30 34U B . -11.06 -0.74 -1.42
C31 34U B . -11.55 0.34 -0.75
C1 GOL C . 6.72 -18.69 -0.62
O1 GOL C . 6.43 -17.29 -0.79
C2 GOL C . 6.39 -18.94 0.85
O2 GOL C . 5.21 -19.77 0.99
C3 GOL C . 7.66 -19.43 1.53
O3 GOL C . 7.44 -19.81 2.88
#